data_8T2O
#
_entry.id   8T2O
#
_cell.length_a   77.769
_cell.length_b   81.551
_cell.length_c   322.768
_cell.angle_alpha   90.000
_cell.angle_beta   90.000
_cell.angle_gamma   90.000
#
_symmetry.space_group_name_H-M   'I 2 2 2'
#
loop_
_entity.id
_entity.type
_entity.pdbx_description
1 polymer 'RNA (90-MER)'
2 polymer 'BL3-6 Fab heavy chain'
3 polymer 'BL3-6 Fab light chain'
#
loop_
_entity_poly.entity_id
_entity_poly.type
_entity_poly.pdbx_seq_one_letter_code
_entity_poly.pdbx_strand_id
1 'polyribonucleotide'
;GGUUGCUCGACUGUGAGUGGACCUACCCACUGUGGAAACACCACAGGAACUUCCAACCUUCGGGUGGCGAGGUAGGGCAG
AAGAGUGACC
;
R
2 'polypeptide(L)'
;EISEVQLVESGGGLVQPGGSLRLSCAASGFYISYSSIHWVRQAPGKGLEWVASISPYSGSTYYADSVKGRFTISADTSKN
TAYLQMNSLRAEDTAVYYCARQGYRRRSGRGFDYWGQGTLVTVSSASTKGPSVFPLAPSSKSTSGGTAALGCLVKDYFPE
PVTVSWNSGALTSGVHTFPAVLQSSGLYSLSSVVTVPSSSLGTQTYICNVNHKPSNTKVDKKVEPKSCDKTHT
;
A
3 'polypeptide(L)'
;SDIQMTQSPSSLSASVGDRVTITCRASQSVSSAVAWYQQKPGKAPKLLIYSASSLYSGVPSRFSGSRSGTDFTLTISSLQ
PEDFATYYCQQSYSFPSTFGQGTKVEIKRTVAAPSVFIFPPSDEQLKSGTASVVCLLNNFYPREAKVQWKVDNALQSGNS
QESVTEQDSKDSTYSLSSTLTLSKADYEKHKVYACEVTHQGLSSPVTKSFNRGEC
;
B
#
loop_
_chem_comp.id
_chem_comp.type
_chem_comp.name
_chem_comp.formula
A RNA linking ADENOSINE-5'-MONOPHOSPHATE 'C10 H14 N5 O7 P'
C RNA linking CYTIDINE-5'-MONOPHOSPHATE 'C9 H14 N3 O8 P'
G RNA linking GUANOSINE-5'-MONOPHOSPHATE 'C10 H14 N5 O8 P'
U RNA linking URIDINE-5'-MONOPHOSPHATE 'C9 H13 N2 O9 P'
#
# COMPACT_ATOMS: atom_id res chain seq x y z
N SER B 3 17.74 14.50 -17.10
CA SER B 3 17.63 13.47 -16.08
C SER B 3 16.27 12.78 -16.20
N GLU B 4 15.89 12.48 -17.42
CA GLU B 4 14.56 12.02 -17.75
C GLU B 4 14.37 10.52 -17.53
N VAL B 5 15.21 9.86 -16.73
CA VAL B 5 15.18 8.40 -16.70
C VAL B 5 13.86 7.98 -16.06
N GLN B 6 12.96 7.42 -16.87
CA GLN B 6 11.62 7.07 -16.42
C GLN B 6 11.16 5.75 -17.04
N LEU B 7 10.34 5.01 -16.29
CA LEU B 7 9.74 3.76 -16.76
C LEU B 7 8.24 3.80 -16.51
N VAL B 8 7.45 3.52 -17.53
CA VAL B 8 6.02 3.80 -17.47
C VAL B 8 5.31 2.53 -17.92
N GLU B 9 4.91 1.70 -16.97
CA GLU B 9 4.21 0.48 -17.33
C GLU B 9 2.75 0.76 -17.67
N SER B 10 2.11 -0.22 -18.32
CA SER B 10 0.73 -0.10 -18.77
C SER B 10 0.28 -1.41 -19.40
N GLY B 11 -1.02 -1.51 -19.66
CA GLY B 11 -1.58 -2.74 -20.17
C GLY B 11 -1.93 -3.75 -19.11
N GLY B 12 -2.06 -3.32 -17.85
CA GLY B 12 -2.49 -4.16 -16.75
C GLY B 12 -4.01 -4.32 -16.72
N GLY B 13 -4.54 -4.57 -15.51
CA GLY B 13 -5.97 -4.50 -15.34
C GLY B 13 -6.61 -5.78 -14.85
N LEU B 14 -7.92 -5.94 -15.09
CA LEU B 14 -8.70 -7.07 -14.59
C LEU B 14 -8.85 -8.07 -15.72
N VAL B 15 -8.43 -9.31 -15.49
CA VAL B 15 -8.37 -10.29 -16.57
C VAL B 15 -8.91 -11.61 -16.05
N GLN B 16 -9.73 -12.27 -16.86
CA GLN B 16 -10.37 -13.49 -16.45
C GLN B 16 -9.27 -14.56 -16.33
N PRO B 17 -9.45 -15.53 -15.45
CA PRO B 17 -8.41 -16.56 -15.30
C PRO B 17 -8.23 -17.30 -16.61
N GLY B 18 -7.01 -17.76 -16.85
CA GLY B 18 -6.68 -18.28 -18.15
C GLY B 18 -6.51 -17.22 -19.22
N GLY B 19 -6.75 -15.97 -18.89
CA GLY B 19 -6.71 -14.92 -19.89
C GLY B 19 -5.29 -14.47 -20.18
N SER B 20 -5.21 -13.52 -21.09
CA SER B 20 -3.94 -13.00 -21.57
C SER B 20 -3.91 -11.50 -21.49
N LEU B 21 -2.74 -10.98 -21.15
CA LEU B 21 -2.48 -9.56 -21.09
C LEU B 21 -1.09 -9.34 -21.65
N ARG B 22 -0.87 -8.22 -22.31
CA ARG B 22 0.49 -7.86 -22.68
C ARG B 22 0.85 -6.51 -22.08
N LEU B 23 1.62 -6.57 -20.98
CA LEU B 23 2.13 -5.39 -20.30
C LEU B 23 3.12 -4.67 -21.21
N SER B 24 3.08 -3.35 -21.22
CA SER B 24 4.04 -2.56 -21.95
C SER B 24 4.83 -1.72 -20.95
N CYS B 25 6.07 -1.37 -21.28
CA CYS B 25 6.88 -0.54 -20.39
C CYS B 25 7.70 0.42 -21.24
N ALA B 26 7.40 1.72 -21.14
CA ALA B 26 8.03 2.72 -22.00
C ALA B 26 9.13 3.46 -21.26
N ALA B 27 10.28 3.61 -21.91
CA ALA B 27 11.48 4.20 -21.33
C ALA B 27 11.68 5.64 -21.79
N SER B 28 12.28 6.43 -20.91
CA SER B 28 12.60 7.83 -21.18
C SER B 28 14.03 8.11 -20.78
N GLY B 29 14.58 9.19 -21.31
CA GLY B 29 15.87 9.65 -20.85
C GLY B 29 16.98 8.64 -20.87
N PHE B 30 16.74 7.45 -21.44
CA PHE B 30 17.82 6.54 -21.75
C PHE B 30 17.36 5.56 -22.82
N TYR B 31 18.34 4.88 -23.41
CA TYR B 31 18.03 3.83 -24.37
C TYR B 31 18.19 2.44 -23.76
N ILE B 32 17.11 1.66 -23.87
CA ILE B 32 17.08 0.28 -23.42
C ILE B 32 17.94 -0.64 -24.27
N SER B 33 18.42 -0.17 -25.43
CA SER B 33 19.35 -1.01 -26.18
C SER B 33 20.61 -1.31 -25.38
N TYR B 34 20.94 -0.47 -24.40
CA TYR B 34 22.19 -0.60 -23.66
C TYR B 34 22.02 -1.15 -22.25
N SER B 35 20.83 -1.61 -21.88
CA SER B 35 20.62 -2.05 -20.52
C SER B 35 19.83 -3.35 -20.50
N SER B 36 20.06 -4.12 -19.46
CA SER B 36 19.21 -5.24 -19.16
C SER B 36 17.89 -4.71 -18.56
N ILE B 37 16.76 -5.28 -18.97
CA ILE B 37 15.46 -4.86 -18.45
C ILE B 37 14.76 -6.06 -17.80
N HIS B 38 14.26 -5.87 -16.58
CA HIS B 38 13.67 -6.93 -15.76
C HIS B 38 12.23 -6.59 -15.43
N TRP B 39 11.36 -7.62 -15.37
CA TRP B 39 10.03 -7.48 -14.78
C TRP B 39 10.02 -8.10 -13.37
N VAL B 40 9.51 -7.34 -12.39
CA VAL B 40 9.38 -7.82 -11.02
C VAL B 40 7.97 -7.53 -10.49
N ARG B 41 7.34 -8.54 -9.86
CA ARG B 41 5.94 -8.44 -9.47
C ARG B 41 5.76 -8.64 -7.96
N GLN B 42 4.72 -8.00 -7.43
CA GLN B 42 4.48 -7.97 -5.99
C GLN B 42 3.00 -8.21 -5.70
N ALA B 43 2.65 -9.39 -5.21
CA ALA B 43 1.26 -9.65 -4.90
C ALA B 43 0.89 -8.80 -3.71
N PRO B 44 -0.41 -8.50 -3.53
CA PRO B 44 -0.80 -7.53 -2.49
C PRO B 44 -0.30 -7.95 -1.11
N GLY B 45 0.33 -6.98 -0.44
CA GLY B 45 0.96 -7.23 0.84
C GLY B 45 1.99 -8.34 0.88
N LYS B 46 2.39 -8.86 -0.26
CA LYS B 46 3.46 -9.84 -0.30
C LYS B 46 4.81 -9.16 -0.62
N GLY B 47 5.84 -9.97 -0.92
CA GLY B 47 7.13 -9.45 -1.28
C GLY B 47 7.33 -9.23 -2.79
N LEU B 48 8.55 -8.84 -3.13
CA LEU B 48 8.99 -8.76 -4.52
C LEU B 48 9.29 -10.16 -5.04
N GLU B 49 9.01 -10.37 -6.33
CA GLU B 49 9.24 -11.64 -7.03
C GLU B 49 9.77 -11.35 -8.43
N TRP B 50 11.04 -11.64 -8.68
CA TRP B 50 11.56 -11.47 -10.03
C TRP B 50 10.82 -12.40 -10.99
N VAL B 51 10.49 -11.86 -12.16
CA VAL B 51 9.70 -12.57 -13.18
C VAL B 51 10.54 -12.94 -14.40
N ALA B 52 11.08 -11.95 -15.10
CA ALA B 52 11.84 -12.23 -16.30
C ALA B 52 12.78 -11.07 -16.57
N SER B 53 13.63 -11.27 -17.55
CA SER B 53 14.56 -10.22 -17.93
C SER B 53 15.09 -10.53 -19.32
N ILE B 54 15.50 -9.50 -20.02
CA ILE B 54 16.13 -9.66 -21.31
C ILE B 54 17.37 -8.80 -21.31
N SER B 55 18.48 -9.42 -21.60
CA SER B 55 19.83 -8.88 -21.52
C SER B 55 20.21 -8.19 -22.82
N PRO B 56 20.95 -7.09 -22.77
CA PRO B 56 21.22 -6.31 -23.98
C PRO B 56 22.20 -6.99 -24.91
N TYR B 57 22.18 -6.52 -26.15
CA TYR B 57 23.06 -6.89 -27.26
C TYR B 57 22.79 -8.30 -27.78
N SER B 58 22.14 -9.16 -26.99
CA SER B 58 21.93 -10.54 -27.39
C SER B 58 20.49 -10.95 -27.38
N GLY B 59 19.63 -10.22 -26.67
CA GLY B 59 18.23 -10.56 -26.53
C GLY B 59 17.96 -11.82 -25.73
N SER B 60 18.96 -12.33 -25.01
CA SER B 60 18.77 -13.59 -24.33
C SER B 60 17.80 -13.42 -23.17
N THR B 61 16.79 -14.29 -23.07
CA THR B 61 15.75 -14.07 -22.06
C THR B 61 15.78 -15.15 -20.99
N TYR B 62 15.45 -14.73 -19.78
CA TYR B 62 15.51 -15.55 -18.60
C TYR B 62 14.21 -15.35 -17.83
N TYR B 63 13.64 -16.43 -17.35
CA TYR B 63 12.33 -16.37 -16.70
C TYR B 63 12.38 -17.08 -15.37
N ALA B 64 11.93 -16.40 -14.33
CA ALA B 64 11.45 -17.08 -13.14
C ALA B 64 10.68 -18.33 -13.53
N ASP B 65 10.86 -19.39 -12.75
CA ASP B 65 10.33 -20.70 -13.12
C ASP B 65 8.82 -20.83 -12.86
N SER B 66 8.25 -19.93 -12.06
CA SER B 66 6.82 -19.92 -11.82
C SER B 66 6.02 -19.39 -12.99
N VAL B 67 6.67 -18.83 -13.99
CA VAL B 67 5.98 -18.32 -15.18
C VAL B 67 6.68 -18.82 -16.42
N LYS B 68 7.49 -19.86 -16.28
CA LYS B 68 8.26 -20.32 -17.42
C LYS B 68 7.26 -20.92 -18.40
N GLY B 69 7.26 -20.40 -19.62
CA GLY B 69 6.37 -20.87 -20.69
C GLY B 69 4.99 -20.24 -20.74
N ARG B 70 4.56 -19.51 -19.72
CA ARG B 70 3.35 -18.72 -19.84
C ARG B 70 3.63 -17.25 -20.11
N PHE B 71 4.83 -16.77 -19.80
CA PHE B 71 5.18 -15.37 -19.97
C PHE B 71 6.32 -15.30 -20.99
N THR B 72 6.40 -14.17 -21.73
CA THR B 72 7.38 -14.06 -22.80
C THR B 72 7.89 -12.62 -22.82
N ILE B 73 9.04 -12.39 -22.20
CA ILE B 73 9.62 -11.05 -22.21
C ILE B 73 10.31 -10.77 -23.52
N SER B 74 10.16 -9.55 -24.00
CA SER B 74 10.65 -9.17 -25.32
C SER B 74 10.82 -7.67 -25.36
N ALA B 75 11.68 -7.18 -26.23
CA ALA B 75 11.93 -5.75 -26.29
C ALA B 75 11.80 -5.29 -27.72
N ASP B 76 11.26 -4.10 -27.92
CA ASP B 76 11.32 -3.47 -29.23
C ASP B 76 12.27 -2.29 -29.13
N THR B 77 13.44 -2.44 -29.75
CA THR B 77 14.43 -1.39 -29.95
C THR B 77 13.80 -0.11 -30.45
N SER B 78 13.14 -0.22 -31.62
CA SER B 78 12.59 0.94 -32.30
C SER B 78 11.73 1.77 -31.35
N LYS B 79 10.80 1.11 -30.66
CA LYS B 79 9.81 1.78 -29.85
C LYS B 79 10.33 2.15 -28.46
N ASN B 80 11.62 1.93 -28.18
CA ASN B 80 12.18 2.06 -26.83
C ASN B 80 11.23 1.52 -25.76
N THR B 81 10.53 0.43 -26.08
CA THR B 81 9.58 -0.23 -25.21
C THR B 81 10.07 -1.65 -24.95
N ALA B 82 9.70 -2.21 -23.79
CA ALA B 82 9.80 -3.62 -23.49
C ALA B 82 8.42 -4.15 -23.09
N TYR B 83 8.18 -5.44 -23.34
CA TYR B 83 6.87 -6.05 -23.20
C TYR B 83 6.94 -7.37 -22.45
N LEU B 84 5.81 -7.76 -21.85
CA LEU B 84 5.67 -9.09 -21.25
C LEU B 84 4.33 -9.70 -21.66
N GLN B 85 4.30 -10.53 -22.71
CA GLN B 85 3.06 -11.27 -22.97
C GLN B 85 2.86 -12.35 -21.94
N MET B 86 1.63 -12.41 -21.42
CA MET B 86 1.21 -13.30 -20.34
C MET B 86 -0.01 -14.09 -20.78
N ASN B 87 0.08 -15.41 -20.73
CA ASN B 87 -0.96 -16.30 -21.18
C ASN B 87 -1.30 -17.25 -20.05
N SER B 88 -2.50 -17.78 -20.10
CA SER B 88 -2.94 -18.76 -19.12
C SER B 88 -2.71 -18.22 -17.72
N LEU B 89 -3.18 -16.99 -17.52
CA LEU B 89 -3.09 -16.34 -16.24
C LEU B 89 -3.93 -17.07 -15.19
N ARG B 90 -3.37 -17.19 -13.98
CA ARG B 90 -4.07 -17.76 -12.85
C ARG B 90 -4.21 -16.72 -11.76
N ALA B 91 -4.94 -17.13 -10.72
CA ALA B 91 -5.22 -16.25 -9.60
C ALA B 91 -3.92 -15.67 -9.05
N GLU B 92 -2.97 -16.57 -8.76
CA GLU B 92 -1.71 -16.20 -8.17
C GLU B 92 -0.85 -15.33 -9.07
N ASP B 93 -1.18 -15.20 -10.35
CA ASP B 93 -0.50 -14.16 -11.11
C ASP B 93 -0.96 -12.76 -10.73
N THR B 94 -1.83 -12.61 -9.74
CA THR B 94 -2.29 -11.29 -9.39
C THR B 94 -1.20 -10.54 -8.64
N ALA B 95 -0.89 -9.32 -9.08
CA ALA B 95 0.19 -8.53 -8.50
C ALA B 95 0.30 -7.20 -9.23
N VAL B 96 1.16 -6.35 -8.69
CA VAL B 96 1.67 -5.19 -9.40
C VAL B 96 2.95 -5.62 -10.08
N TYR B 97 3.06 -5.29 -11.37
CA TYR B 97 4.13 -5.78 -12.23
C TYR B 97 5.05 -4.61 -12.52
N TYR B 98 6.26 -4.67 -11.97
CA TYR B 98 7.21 -3.57 -12.08
C TYR B 98 8.24 -3.85 -13.18
N CYS B 99 8.63 -2.77 -13.83
CA CYS B 99 9.63 -2.71 -14.88
C CYS B 99 10.88 -2.08 -14.27
N ALA B 100 12.00 -2.79 -14.33
CA ALA B 100 13.22 -2.24 -13.74
C ALA B 100 14.38 -2.23 -14.73
N ARG B 101 15.14 -1.13 -14.71
CA ARG B 101 16.38 -1.05 -15.46
C ARG B 101 17.51 -1.56 -14.57
N GLN B 102 18.33 -2.45 -15.13
CA GLN B 102 19.57 -2.83 -14.47
C GLN B 102 20.64 -1.79 -14.80
N GLY B 103 21.26 -1.23 -13.75
CA GLY B 103 22.17 -0.10 -13.93
C GLY B 103 23.39 -0.46 -14.73
N TYR B 104 24.08 0.59 -15.18
CA TYR B 104 25.35 0.44 -15.89
C TYR B 104 26.42 -0.14 -14.95
N ARG B 105 27.11 -1.18 -15.41
CA ARG B 105 27.99 -1.94 -14.53
C ARG B 105 29.00 -1.04 -13.83
N ARG B 106 29.64 -0.16 -14.60
CA ARG B 106 30.68 0.70 -14.04
C ARG B 106 30.11 1.66 -12.99
N ARG B 107 28.79 1.85 -12.97
CA ARG B 107 28.11 2.77 -12.07
C ARG B 107 27.39 2.10 -10.91
N SER B 108 26.65 1.01 -11.13
CA SER B 108 25.82 0.49 -10.03
C SER B 108 25.72 -1.03 -10.03
N GLY B 109 26.72 -1.74 -10.58
CA GLY B 109 26.66 -3.19 -10.56
C GLY B 109 25.40 -3.77 -11.22
N ARG B 110 25.02 -4.96 -10.76
CA ARG B 110 23.78 -5.59 -11.22
C ARG B 110 22.57 -5.10 -10.43
N GLY B 111 22.70 -3.95 -9.79
CA GLY B 111 21.56 -3.38 -9.11
C GLY B 111 20.55 -2.87 -10.10
N PHE B 112 19.29 -2.87 -9.69
CA PHE B 112 18.21 -2.31 -10.47
C PHE B 112 18.05 -0.86 -10.03
N ASP B 113 18.39 0.09 -10.91
CA ASP B 113 18.49 1.46 -10.46
C ASP B 113 17.28 2.32 -10.79
N TYR B 114 16.35 1.85 -11.62
CA TYR B 114 15.14 2.63 -11.89
C TYR B 114 13.95 1.70 -12.01
N TRP B 115 12.89 2.03 -11.30
CA TRP B 115 11.68 1.22 -11.28
C TRP B 115 10.52 2.06 -11.80
N GLY B 116 9.56 1.42 -12.45
CA GLY B 116 8.35 2.09 -12.82
C GLY B 116 7.48 2.27 -11.61
N GLN B 117 6.36 2.98 -11.79
CA GLN B 117 5.40 2.92 -10.69
C GLN B 117 4.76 1.55 -10.59
N GLY B 118 4.81 0.75 -11.64
CA GLY B 118 4.26 -0.58 -11.60
C GLY B 118 2.80 -0.56 -11.97
N THR B 119 2.32 -1.63 -12.60
CA THR B 119 0.93 -1.68 -13.01
C THR B 119 0.29 -2.93 -12.41
N LEU B 120 -1.00 -2.85 -12.09
CA LEU B 120 -1.67 -3.85 -11.27
C LEU B 120 -2.53 -4.82 -12.06
N VAL B 121 -2.26 -6.11 -11.92
CA VAL B 121 -2.92 -7.15 -12.70
C VAL B 121 -3.79 -7.98 -11.74
N THR B 122 -5.10 -8.00 -12.00
CA THR B 122 -6.07 -8.55 -11.05
C THR B 122 -6.71 -9.74 -11.74
N VAL B 123 -6.13 -10.92 -11.59
CA VAL B 123 -6.66 -12.13 -12.23
C VAL B 123 -7.81 -12.67 -11.37
N SER B 124 -9.03 -12.31 -11.75
CA SER B 124 -10.22 -12.97 -11.25
C SER B 124 -11.26 -12.89 -12.35
N SER B 125 -12.39 -13.53 -12.08
CA SER B 125 -13.50 -13.51 -13.01
C SER B 125 -14.66 -12.69 -12.51
N ALA B 126 -14.62 -12.26 -11.25
CA ALA B 126 -15.74 -11.51 -10.69
C ALA B 126 -15.81 -10.16 -11.36
N SER B 127 -16.98 -9.80 -11.86
CA SER B 127 -17.13 -8.68 -12.77
C SER B 127 -16.98 -7.33 -12.06
N THR B 128 -16.48 -6.33 -12.78
CA THR B 128 -16.22 -5.05 -12.13
C THR B 128 -17.52 -4.46 -11.58
N LYS B 129 -17.37 -3.66 -10.52
CA LYS B 129 -18.48 -2.87 -9.99
C LYS B 129 -17.89 -1.63 -9.37
N GLY B 130 -18.48 -0.49 -9.67
CA GLY B 130 -18.00 0.77 -9.16
C GLY B 130 -18.52 1.08 -7.77
N PRO B 131 -17.97 2.14 -7.20
CA PRO B 131 -18.19 2.43 -5.78
C PRO B 131 -19.37 3.33 -5.53
N SER B 132 -20.08 3.06 -4.45
CA SER B 132 -21.17 3.92 -3.99
C SER B 132 -20.67 4.71 -2.78
N VAL B 133 -20.22 5.95 -3.04
CA VAL B 133 -19.62 6.84 -2.03
C VAL B 133 -20.68 7.57 -1.21
N PHE B 134 -20.57 7.45 0.11
CA PHE B 134 -21.49 8.14 1.00
C PHE B 134 -20.71 9.15 1.83
N PRO B 135 -21.34 10.24 2.22
CA PRO B 135 -20.62 11.27 2.97
C PRO B 135 -20.57 10.95 4.45
N LEU B 136 -19.48 11.39 5.09
CA LEU B 136 -19.33 11.31 6.54
C LEU B 136 -19.20 12.72 7.11
N ALA B 137 -20.28 13.18 7.86
CA ALA B 137 -20.38 14.57 8.29
C ALA B 137 -19.78 14.78 9.68
N PRO B 138 -19.29 15.99 9.97
CA PRO B 138 -18.85 16.32 11.35
C PRO B 138 -20.04 16.47 12.31
N SER B 139 -19.76 16.35 13.62
CA SER B 139 -20.89 16.34 14.54
C SER B 139 -21.19 17.62 15.34
N SER B 140 -20.48 17.83 16.46
CA SER B 140 -20.44 19.13 17.16
C SER B 140 -19.22 19.26 18.07
N LYS B 141 -18.15 18.51 17.78
CA LYS B 141 -17.03 18.33 18.72
C LYS B 141 -15.68 18.59 18.09
N GLY B 146 -10.73 21.86 19.59
CA GLY B 146 -11.33 22.85 18.70
C GLY B 146 -11.42 22.32 17.29
N THR B 147 -11.33 21.00 17.14
CA THR B 147 -11.35 20.39 15.83
C THR B 147 -12.27 19.17 15.82
N ALA B 148 -12.84 18.90 14.64
CA ALA B 148 -13.62 17.69 14.41
C ALA B 148 -13.26 17.15 13.02
N ALA B 149 -13.89 16.03 12.65
CA ALA B 149 -13.47 15.26 11.49
C ALA B 149 -14.65 14.97 10.55
N LEU B 150 -14.32 14.79 9.28
CA LEU B 150 -15.28 14.58 8.21
C LEU B 150 -14.57 13.87 7.06
N GLY B 151 -15.32 13.04 6.34
CA GLY B 151 -14.73 12.23 5.29
C GLY B 151 -15.74 11.68 4.32
N CYS B 152 -15.32 10.65 3.58
CA CYS B 152 -16.18 9.97 2.62
C CYS B 152 -16.11 8.47 2.83
N LEU B 153 -17.23 7.79 2.63
CA LEU B 153 -17.26 6.32 2.69
C LEU B 153 -17.40 5.79 1.27
N VAL B 154 -16.32 5.20 0.74
CA VAL B 154 -16.27 4.70 -0.63
C VAL B 154 -16.58 3.20 -0.54
N LYS B 155 -17.80 2.81 -0.92
CA LYS B 155 -18.33 1.51 -0.54
C LYS B 155 -18.60 0.61 -1.74
N ASP B 156 -18.22 -0.65 -1.58
CA ASP B 156 -18.59 -1.81 -2.43
C ASP B 156 -18.24 -1.58 -3.92
N TYR B 157 -16.93 -1.49 -4.16
CA TYR B 157 -16.39 -1.40 -5.51
C TYR B 157 -15.41 -2.55 -5.75
N PHE B 158 -15.06 -2.72 -7.03
CA PHE B 158 -14.11 -3.74 -7.49
C PHE B 158 -13.77 -3.51 -8.96
N PRO B 159 -12.48 -3.65 -9.37
CA PRO B 159 -11.30 -3.97 -8.57
C PRO B 159 -10.67 -2.74 -8.00
N GLU B 160 -9.73 -2.94 -7.08
CA GLU B 160 -8.80 -1.90 -6.71
C GLU B 160 -8.18 -1.35 -7.98
N PRO B 161 -7.80 -0.08 -8.04
CA PRO B 161 -7.85 0.92 -6.99
C PRO B 161 -8.84 2.05 -7.22
N VAL B 162 -9.19 2.74 -6.14
CA VAL B 162 -9.83 4.04 -6.17
C VAL B 162 -8.81 5.07 -5.75
N THR B 163 -8.96 6.30 -6.23
CA THR B 163 -8.25 7.43 -5.69
C THR B 163 -9.25 8.42 -5.09
N VAL B 164 -8.92 8.95 -3.91
CA VAL B 164 -9.68 10.05 -3.30
C VAL B 164 -8.75 11.25 -3.20
N SER B 165 -9.23 12.39 -3.68
CA SER B 165 -8.64 13.66 -3.30
C SER B 165 -9.76 14.52 -2.75
N TRP B 166 -9.37 15.59 -2.07
CA TRP B 166 -10.31 16.52 -1.48
C TRP B 166 -10.17 17.86 -2.17
N ASN B 167 -11.31 18.41 -2.61
CA ASN B 167 -11.34 19.76 -3.14
C ASN B 167 -10.49 19.87 -4.41
N SER B 168 -10.44 18.76 -5.17
CA SER B 168 -9.54 18.58 -6.32
C SER B 168 -8.08 18.67 -5.89
N GLY B 169 -7.76 18.01 -4.79
CA GLY B 169 -6.41 18.08 -4.27
C GLY B 169 -6.03 19.42 -3.70
N ALA B 170 -6.96 20.37 -3.61
CA ALA B 170 -6.67 21.61 -2.91
C ALA B 170 -6.36 21.32 -1.45
N LEU B 171 -7.27 20.63 -0.76
CA LEU B 171 -7.02 20.16 0.60
C LEU B 171 -6.19 18.90 0.55
N THR B 172 -5.09 18.88 1.27
CA THR B 172 -4.20 17.74 1.33
C THR B 172 -3.75 17.39 2.72
N SER B 173 -3.86 18.30 3.68
CA SER B 173 -3.28 18.13 4.99
C SER B 173 -4.29 17.59 6.00
N GLY B 174 -3.79 16.76 6.90
CA GLY B 174 -4.63 16.15 7.91
C GLY B 174 -5.48 15.02 7.40
N VAL B 175 -5.24 14.58 6.16
CA VAL B 175 -6.08 13.61 5.45
C VAL B 175 -5.54 12.21 5.67
N HIS B 176 -6.42 11.27 6.02
CA HIS B 176 -6.15 9.84 6.05
C HIS B 176 -7.11 9.13 5.12
N THR B 177 -6.57 8.34 4.18
CA THR B 177 -7.37 7.46 3.33
C THR B 177 -7.02 6.00 3.66
N PHE B 178 -7.96 5.32 4.20
CA PHE B 178 -7.62 4.03 4.74
C PHE B 178 -7.48 2.95 3.66
N PRO B 179 -6.69 1.92 3.95
CA PRO B 179 -6.57 0.79 3.02
C PRO B 179 -7.91 0.13 2.83
N ALA B 180 -8.25 -0.16 1.58
CA ALA B 180 -9.46 -0.92 1.32
C ALA B 180 -9.35 -2.22 2.07
N VAL B 181 -10.47 -2.66 2.64
CA VAL B 181 -10.60 -4.03 3.10
C VAL B 181 -11.57 -4.72 2.18
N LEU B 182 -11.61 -6.02 2.31
CA LEU B 182 -12.38 -6.87 1.42
C LEU B 182 -13.70 -7.22 2.12
N GLN B 183 -14.77 -6.60 1.66
CA GLN B 183 -16.11 -7.01 2.07
C GLN B 183 -16.33 -8.49 1.82
N SER B 184 -17.02 -9.10 2.77
CA SER B 184 -17.50 -10.47 2.60
C SER B 184 -18.22 -10.62 1.27
N SER B 185 -18.84 -9.56 0.77
CA SER B 185 -19.39 -9.56 -0.58
C SER B 185 -18.33 -9.77 -1.65
N GLY B 186 -17.06 -9.80 -1.29
CA GLY B 186 -16.00 -9.89 -2.27
C GLY B 186 -15.56 -8.57 -2.84
N LEU B 187 -16.34 -7.50 -2.63
CA LEU B 187 -16.09 -6.15 -3.11
C LEU B 187 -15.25 -5.36 -2.11
N TYR B 188 -14.66 -4.28 -2.59
CA TYR B 188 -13.83 -3.44 -1.74
C TYR B 188 -14.62 -2.25 -1.20
N SER B 189 -14.36 -1.94 0.05
CA SER B 189 -14.87 -0.73 0.65
C SER B 189 -13.71 -0.06 1.36
N LEU B 190 -13.75 1.26 1.39
CA LEU B 190 -12.78 2.03 2.16
C LEU B 190 -13.35 3.42 2.39
N SER B 191 -12.61 4.18 3.18
CA SER B 191 -13.10 5.49 3.57
C SER B 191 -11.93 6.42 3.85
N SER B 192 -12.03 7.63 3.31
CA SER B 192 -11.05 8.70 3.44
C SER B 192 -11.61 9.73 4.40
N VAL B 193 -10.77 10.23 5.31
CA VAL B 193 -11.17 11.25 6.26
C VAL B 193 -10.07 12.30 6.38
N VAL B 194 -10.49 13.54 6.56
CA VAL B 194 -9.62 14.64 6.93
C VAL B 194 -10.20 15.24 8.21
N THR B 195 -9.35 15.88 9.03
CA THR B 195 -9.84 16.66 10.15
C THR B 195 -9.61 18.12 9.82
N VAL B 196 -10.55 18.98 10.20
CA VAL B 196 -10.40 20.41 9.96
C VAL B 196 -10.85 21.17 11.20
N PRO B 197 -10.39 22.41 11.33
CA PRO B 197 -10.86 23.27 12.43
C PRO B 197 -12.36 23.49 12.40
N SER B 198 -12.95 23.55 13.60
CA SER B 198 -14.40 23.60 13.72
C SER B 198 -14.99 24.89 13.15
N SER B 199 -14.16 25.91 12.89
CA SER B 199 -14.69 27.16 12.35
C SER B 199 -15.07 27.03 10.87
N SER B 200 -14.24 26.35 10.08
CA SER B 200 -14.44 26.33 8.62
C SER B 200 -15.73 25.64 8.20
N LEU B 201 -16.30 24.79 9.05
CA LEU B 201 -17.55 24.09 8.78
C LEU B 201 -18.61 24.97 8.10
N GLY B 202 -18.89 26.14 8.68
CA GLY B 202 -19.95 26.97 8.14
C GLY B 202 -19.69 27.47 6.73
N THR B 203 -18.43 27.80 6.43
CA THR B 203 -18.08 28.52 5.20
C THR B 203 -17.23 27.74 4.21
N GLN B 204 -16.57 26.68 4.62
CA GLN B 204 -15.68 25.94 3.73
C GLN B 204 -16.40 24.72 3.16
N THR B 205 -16.74 24.79 1.87
CA THR B 205 -17.26 23.61 1.18
C THR B 205 -16.17 22.54 1.14
N TYR B 206 -16.57 21.31 1.43
CA TYR B 206 -15.64 20.18 1.51
C TYR B 206 -16.13 19.07 0.58
N ILE B 207 -15.47 18.94 -0.57
CA ILE B 207 -15.81 17.90 -1.54
C ILE B 207 -14.66 16.92 -1.59
N CYS B 208 -14.99 15.63 -1.50
CA CYS B 208 -14.05 14.57 -1.86
C CYS B 208 -14.29 14.22 -3.33
N ASN B 209 -13.21 13.94 -4.05
CA ASN B 209 -13.28 13.48 -5.43
C ASN B 209 -12.87 12.02 -5.49
N VAL B 210 -13.76 11.16 -5.98
CA VAL B 210 -13.54 9.72 -6.06
C VAL B 210 -13.45 9.31 -7.52
N ASN B 211 -12.42 8.55 -7.86
CA ASN B 211 -12.13 8.12 -9.22
C ASN B 211 -11.83 6.64 -9.17
N HIS B 212 -12.65 5.85 -9.84
CA HIS B 212 -12.47 4.41 -9.93
C HIS B 212 -12.32 4.09 -11.40
N LYS B 213 -11.09 4.20 -11.91
CA LYS B 213 -10.89 4.03 -13.34
C LYS B 213 -11.34 2.66 -13.87
N PRO B 214 -11.24 1.55 -13.11
CA PRO B 214 -11.68 0.25 -13.65
C PRO B 214 -13.09 0.22 -14.16
N SER B 215 -13.98 0.92 -13.47
CA SER B 215 -15.38 1.02 -13.83
C SER B 215 -15.68 2.26 -14.63
N ASN B 216 -14.67 3.07 -14.92
CA ASN B 216 -14.83 4.36 -15.59
C ASN B 216 -15.70 5.29 -14.75
N THR B 217 -15.60 5.15 -13.43
CA THR B 217 -16.43 5.87 -12.48
C THR B 217 -15.64 7.00 -11.86
N LYS B 218 -16.20 8.22 -11.90
CA LYS B 218 -15.68 9.34 -11.14
C LYS B 218 -16.87 10.03 -10.47
N VAL B 219 -16.76 10.25 -9.14
CA VAL B 219 -17.81 10.90 -8.35
C VAL B 219 -17.17 11.97 -7.49
N ASP B 220 -17.92 13.05 -7.26
CA ASP B 220 -17.53 14.11 -6.33
C ASP B 220 -18.66 14.32 -5.34
N LYS B 221 -18.37 14.14 -4.05
CA LYS B 221 -19.39 14.14 -3.01
C LYS B 221 -19.14 15.29 -2.05
N LYS B 222 -20.09 16.20 -1.96
CA LYS B 222 -19.96 17.31 -1.04
C LYS B 222 -20.26 16.80 0.37
N VAL B 223 -19.31 17.01 1.27
CA VAL B 223 -19.43 16.62 2.67
C VAL B 223 -19.83 17.88 3.45
N GLU B 224 -21.12 17.97 3.76
CA GLU B 224 -21.71 19.05 4.53
C GLU B 224 -22.16 18.56 5.90
N PRO B 225 -22.25 19.46 6.88
CA PRO B 225 -22.51 19.05 8.28
C PRO B 225 -23.90 18.50 8.54
N LYS B 226 -24.21 18.23 9.80
CA LYS B 226 -25.56 17.78 10.17
C LYS B 226 -26.59 18.82 9.71
N SER B 227 -27.52 18.36 8.86
CA SER B 227 -28.50 19.26 8.28
C SER B 227 -29.37 19.91 9.35
N CYS B 228 -29.65 19.18 10.43
CA CYS B 228 -30.45 19.71 11.52
C CYS B 228 -29.59 20.01 12.74
N SER C 1 16.58 -25.62 -8.03
CA SER C 1 18.01 -25.39 -8.05
C SER C 1 18.31 -23.90 -7.96
N ASP C 2 17.60 -23.20 -7.09
CA ASP C 2 17.72 -21.76 -7.00
C ASP C 2 18.52 -21.38 -5.76
N ILE C 3 19.31 -20.30 -5.88
CA ILE C 3 19.79 -19.63 -4.69
C ILE C 3 18.59 -19.20 -3.87
N GLN C 4 18.50 -19.69 -2.64
CA GLN C 4 17.55 -19.16 -1.69
C GLN C 4 18.17 -17.98 -0.94
N MET C 5 17.52 -16.83 -1.00
CA MET C 5 17.90 -15.72 -0.14
C MET C 5 16.97 -15.72 1.06
N THR C 6 17.53 -16.00 2.23
CA THR C 6 16.76 -16.19 3.45
C THR C 6 17.01 -15.01 4.38
N GLN C 7 16.07 -14.06 4.39
CA GLN C 7 16.23 -12.83 5.17
C GLN C 7 15.61 -12.99 6.56
N SER C 8 16.08 -12.17 7.49
CA SER C 8 15.53 -12.11 8.84
C SER C 8 16.16 -10.93 9.58
N PRO C 9 15.42 -10.22 10.43
CA PRO C 9 14.11 -10.57 10.98
C PRO C 9 12.98 -10.34 9.99
N SER C 10 11.83 -10.98 10.17
CA SER C 10 10.71 -10.61 9.32
C SER C 10 10.25 -9.18 9.60
N SER C 11 10.55 -8.65 10.79
CA SER C 11 10.10 -7.32 11.15
C SER C 11 11.02 -6.76 12.24
N LEU C 12 10.84 -5.47 12.55
CA LEU C 12 11.76 -4.75 13.42
C LEU C 12 11.11 -3.49 13.97
N SER C 13 10.87 -3.44 15.29
CA SER C 13 10.65 -2.15 15.94
C SER C 13 11.96 -1.68 16.53
N ALA C 14 12.27 -0.41 16.30
CA ALA C 14 13.45 0.17 16.93
C ALA C 14 13.27 1.67 17.00
N SER C 15 13.90 2.23 18.03
CA SER C 15 13.88 3.62 18.42
C SER C 15 14.65 4.45 17.41
N VAL C 16 14.33 5.74 17.33
CA VAL C 16 15.07 6.60 16.42
C VAL C 16 16.53 6.72 16.90
N GLY C 17 17.45 6.77 15.94
CA GLY C 17 18.85 6.77 16.29
C GLY C 17 19.44 5.41 16.54
N ASP C 18 18.60 4.37 16.69
CA ASP C 18 19.13 3.04 16.95
C ASP C 18 19.94 2.51 15.78
N ARG C 19 20.77 1.53 16.09
CA ARG C 19 21.37 0.68 15.09
C ARG C 19 20.44 -0.48 14.82
N VAL C 20 20.15 -0.71 13.53
CA VAL C 20 19.34 -1.83 13.07
C VAL C 20 20.13 -2.61 12.03
N THR C 21 19.89 -3.91 12.00
CA THR C 21 20.68 -4.87 11.24
C THR C 21 19.73 -5.86 10.59
N ILE C 22 19.86 -6.06 9.30
CA ILE C 22 19.05 -7.02 8.58
C ILE C 22 19.98 -7.98 7.88
N THR C 23 19.70 -9.27 7.97
CA THR C 23 20.62 -10.28 7.48
C THR C 23 19.91 -11.20 6.50
N CYS C 24 20.51 -11.35 5.34
CA CYS C 24 20.06 -12.24 4.29
C CYS C 24 21.15 -13.30 4.09
N ARG C 25 20.77 -14.57 3.94
CA ARG C 25 21.74 -15.66 3.86
C ARG C 25 21.53 -16.55 2.64
N ALA C 26 22.51 -16.49 1.73
CA ALA C 26 22.38 -17.09 0.41
C ALA C 26 22.65 -18.58 0.49
N SER C 27 21.67 -19.39 0.06
CA SER C 27 21.84 -20.84 0.13
C SER C 27 23.05 -21.31 -0.65
N GLN C 28 23.52 -20.52 -1.61
CA GLN C 28 24.79 -20.79 -2.26
C GLN C 28 25.59 -19.51 -2.37
N SER C 29 26.90 -19.68 -2.52
CA SER C 29 27.78 -18.53 -2.65
C SER C 29 27.38 -17.74 -3.89
N VAL C 30 27.17 -16.45 -3.73
CA VAL C 30 26.66 -15.62 -4.80
C VAL C 30 27.64 -14.48 -5.03
N SER C 31 28.91 -14.77 -4.75
CA SER C 31 30.00 -13.80 -4.83
C SER C 31 29.51 -12.57 -4.06
N SER C 32 29.64 -11.37 -4.62
CA SER C 32 29.09 -10.19 -3.97
C SER C 32 27.93 -9.62 -4.77
N ALA C 33 27.26 -10.47 -5.56
CA ALA C 33 26.20 -10.04 -6.44
C ALA C 33 24.90 -9.79 -5.67
N VAL C 34 24.97 -9.04 -4.58
CA VAL C 34 23.82 -8.75 -3.74
C VAL C 34 23.58 -7.24 -3.75
N ALA C 35 22.31 -6.86 -3.97
CA ALA C 35 21.87 -5.48 -3.90
C ALA C 35 20.73 -5.40 -2.90
N TRP C 36 20.70 -4.31 -2.13
CA TRP C 36 19.65 -4.07 -1.15
C TRP C 36 18.71 -2.95 -1.61
N TYR C 37 17.42 -3.09 -1.29
CA TYR C 37 16.36 -2.15 -1.68
C TYR C 37 15.49 -1.69 -0.52
N GLN C 38 15.22 -0.39 -0.47
CA GLN C 38 14.21 0.21 0.39
C GLN C 38 12.88 0.36 -0.34
N GLN C 39 11.76 0.09 0.35
CA GLN C 39 10.46 0.25 -0.31
C GLN C 39 9.44 0.84 0.65
N LYS C 40 9.14 2.14 0.50
CA LYS C 40 8.09 2.67 1.37
C LYS C 40 6.72 2.26 0.85
N PRO C 41 5.73 2.03 1.78
CA PRO C 41 4.45 1.42 1.39
C PRO C 41 3.76 2.09 0.22
N GLY C 42 3.71 1.44 -0.94
CA GLY C 42 3.02 2.00 -2.08
C GLY C 42 3.86 2.86 -3.01
N LYS C 43 5.17 2.94 -2.80
CA LYS C 43 6.07 3.34 -3.87
C LYS C 43 6.74 2.13 -4.51
N ALA C 44 7.53 2.40 -5.53
CA ALA C 44 8.38 1.39 -6.07
C ALA C 44 9.53 1.16 -5.10
N PRO C 45 10.38 0.16 -5.33
CA PRO C 45 11.60 0.03 -4.54
C PRO C 45 12.66 1.02 -5.01
N LYS C 46 13.50 1.42 -4.07
CA LYS C 46 14.64 2.28 -4.37
C LYS C 46 15.93 1.53 -4.04
N LEU C 47 16.95 1.67 -4.89
CA LEU C 47 18.18 0.92 -4.70
C LEU C 47 19.02 1.53 -3.57
N LEU C 48 19.58 0.68 -2.70
CA LEU C 48 20.39 1.16 -1.59
C LEU C 48 21.85 0.76 -1.72
N ILE C 49 22.13 -0.53 -1.78
CA ILE C 49 23.48 -1.05 -1.90
C ILE C 49 23.52 -1.91 -3.15
N TYR C 50 24.64 -1.85 -3.86
CA TYR C 50 24.90 -2.72 -4.99
C TYR C 50 26.26 -3.35 -4.79
N SER C 51 26.39 -4.60 -5.22
CA SER C 51 27.63 -5.36 -5.05
C SER C 51 27.97 -5.55 -3.56
N ALA C 52 26.90 -5.54 -2.76
CA ALA C 52 26.82 -5.98 -1.37
C ALA C 52 27.50 -5.03 -0.38
N SER C 53 28.29 -4.08 -0.87
CA SER C 53 28.81 -3.05 0.02
C SER C 53 29.03 -1.71 -0.66
N SER C 54 28.61 -1.53 -1.90
CA SER C 54 28.74 -0.24 -2.56
C SER C 54 27.47 0.57 -2.34
N LEU C 55 27.62 1.76 -1.77
CA LEU C 55 26.47 2.60 -1.44
C LEU C 55 26.03 3.36 -2.69
N TYR C 56 24.86 2.99 -3.22
CA TYR C 56 24.36 3.58 -4.47
C TYR C 56 24.34 5.10 -4.40
N SER C 57 24.52 5.74 -5.55
CA SER C 57 24.57 7.20 -5.60
C SER C 57 23.30 7.81 -5.03
N GLY C 58 23.47 8.68 -4.02
CA GLY C 58 22.38 9.44 -3.44
C GLY C 58 21.84 8.92 -2.12
N VAL C 59 22.29 7.74 -1.70
CA VAL C 59 21.76 7.07 -0.51
C VAL C 59 22.43 7.63 0.74
N PRO C 60 21.67 7.85 1.83
CA PRO C 60 22.26 8.44 3.04
C PRO C 60 23.32 7.56 3.67
N SER C 61 24.47 8.15 3.95
CA SER C 61 25.63 7.41 4.44
C SER C 61 25.35 6.58 5.69
N ARG C 62 24.17 6.71 6.31
CA ARG C 62 23.85 5.86 7.46
C ARG C 62 23.66 4.41 7.06
N PHE C 63 23.22 4.14 5.83
CA PHE C 63 23.05 2.80 5.29
C PHE C 63 24.39 2.25 4.86
N SER C 64 24.54 0.93 4.90
CA SER C 64 25.79 0.35 4.41
C SER C 64 25.60 -1.12 4.27
N GLY C 65 26.16 -1.67 3.16
CA GLY C 65 26.16 -3.10 2.93
C GLY C 65 27.42 -3.75 3.43
N SER C 66 27.35 -5.07 3.58
CA SER C 66 28.47 -5.84 4.11
C SER C 66 28.30 -7.30 3.72
N ARG C 67 29.41 -7.96 3.45
CA ARG C 67 29.36 -9.36 3.13
C ARG C 67 30.27 -10.10 4.09
N SER C 68 29.86 -11.31 4.48
CA SER C 68 30.77 -12.23 5.15
C SER C 68 30.48 -13.61 4.60
N GLY C 69 31.17 -13.98 3.51
CA GLY C 69 30.91 -15.25 2.86
C GLY C 69 29.58 -15.27 2.14
N THR C 70 28.66 -16.13 2.59
CA THR C 70 27.31 -16.18 2.03
C THR C 70 26.31 -15.39 2.86
N ASP C 71 26.76 -14.54 3.78
CA ASP C 71 25.85 -13.84 4.68
C ASP C 71 26.02 -12.35 4.54
N PHE C 72 24.93 -11.67 4.13
CA PHE C 72 24.90 -10.24 3.81
C PHE C 72 24.11 -9.46 4.85
N THR C 73 24.60 -8.28 5.24
CA THR C 73 23.95 -7.51 6.28
C THR C 73 23.82 -6.06 5.86
N LEU C 74 22.62 -5.53 5.96
CA LEU C 74 22.33 -4.12 5.77
C LEU C 74 22.31 -3.47 7.15
N THR C 75 22.84 -2.25 7.26
CA THR C 75 22.92 -1.60 8.56
C THR C 75 22.52 -0.13 8.47
N ILE C 76 21.73 0.32 9.43
CA ILE C 76 21.44 1.74 9.64
C ILE C 76 22.13 2.16 10.93
N SER C 77 23.13 3.04 10.84
CA SER C 77 23.85 3.48 12.03
C SER C 77 22.90 4.14 13.01
N SER C 78 21.99 4.98 12.50
CA SER C 78 21.08 5.76 13.33
C SER C 78 19.80 6.00 12.54
N LEU C 79 18.72 5.31 12.94
CA LEU C 79 17.44 5.47 12.27
C LEU C 79 17.00 6.93 12.22
N GLN C 80 16.52 7.33 11.05
CA GLN C 80 15.58 8.44 10.95
C GLN C 80 14.17 7.91 10.99
N PRO C 81 13.19 8.78 11.18
CA PRO C 81 11.82 8.37 10.90
C PRO C 81 11.58 8.02 9.43
N GLU C 82 12.27 8.69 8.50
CA GLU C 82 12.03 8.40 7.08
C GLU C 82 12.25 6.93 6.76
N ASP C 83 13.17 6.30 7.44
CA ASP C 83 13.59 4.96 7.17
C ASP C 83 12.48 3.90 7.54
N PHE C 84 11.24 4.32 7.81
CA PHE C 84 10.12 3.40 7.77
C PHE C 84 9.89 2.90 6.35
N ALA C 85 10.01 1.59 6.18
CA ALA C 85 10.13 0.96 4.88
C ALA C 85 10.18 -0.55 5.04
N THR C 86 10.09 -1.28 3.93
CA THR C 86 10.35 -2.71 3.89
C THR C 86 11.61 -2.91 3.06
N TYR C 87 12.56 -3.66 3.62
CA TYR C 87 13.89 -3.79 3.07
C TYR C 87 14.05 -5.18 2.49
N TYR C 88 14.61 -5.26 1.28
CA TYR C 88 14.76 -6.49 0.52
C TYR C 88 16.20 -6.63 0.06
N CYS C 89 16.78 -7.80 0.28
CA CYS C 89 18.01 -8.21 -0.38
C CYS C 89 17.67 -8.84 -1.74
N GLN C 90 18.59 -8.72 -2.69
CA GLN C 90 18.50 -9.45 -3.94
C GLN C 90 19.87 -10.04 -4.26
N GLN C 91 19.86 -11.20 -4.90
CA GLN C 91 21.07 -11.74 -5.56
C GLN C 91 20.84 -11.79 -7.06
N SER C 92 21.75 -11.18 -7.81
CA SER C 92 21.82 -11.36 -9.25
C SER C 92 23.12 -12.10 -9.61
N TYR C 93 23.49 -13.07 -8.77
CA TYR C 93 24.64 -13.88 -9.11
C TYR C 93 24.31 -14.84 -10.23
N SER C 94 23.04 -15.16 -10.40
CA SER C 94 22.65 -16.14 -11.42
C SER C 94 21.13 -16.21 -11.54
N PHE C 95 20.64 -16.45 -12.80
CA PHE C 95 19.23 -16.55 -13.16
C PHE C 95 18.69 -17.93 -12.82
N PRO C 96 17.47 -18.03 -12.30
CA PRO C 96 16.57 -16.94 -11.88
C PRO C 96 17.09 -16.18 -10.69
N SER C 97 16.90 -14.87 -10.76
CA SER C 97 17.28 -13.98 -9.68
C SER C 97 16.37 -14.26 -8.48
N THR C 98 16.72 -13.67 -7.33
CA THR C 98 16.08 -13.97 -6.06
C THR C 98 16.14 -12.80 -5.08
N PHE C 99 15.01 -12.56 -4.39
CA PHE C 99 14.88 -11.56 -3.34
C PHE C 99 14.68 -12.20 -1.95
N GLY C 100 15.08 -11.46 -0.92
CA GLY C 100 14.70 -11.80 0.43
C GLY C 100 13.21 -11.64 0.60
N GLN C 101 12.70 -12.12 1.73
CA GLN C 101 11.27 -11.99 1.89
C GLN C 101 10.90 -10.64 2.44
N GLY C 102 11.88 -9.81 2.76
CA GLY C 102 11.67 -8.46 3.24
C GLY C 102 11.74 -8.36 4.75
N THR C 103 11.95 -7.14 5.24
CA THR C 103 11.92 -6.84 6.67
C THR C 103 11.17 -5.53 6.89
N LYS C 104 10.03 -5.58 7.58
CA LYS C 104 9.31 -4.34 7.86
C LYS C 104 9.89 -3.67 9.10
N VAL C 105 10.47 -2.48 8.89
CA VAL C 105 11.06 -1.67 9.93
C VAL C 105 10.01 -0.71 10.45
N GLU C 106 9.96 -0.51 11.76
CA GLU C 106 9.01 0.43 12.35
C GLU C 106 9.64 1.42 13.30
N ILE C 107 9.24 2.68 13.10
CA ILE C 107 9.64 3.78 13.95
C ILE C 107 9.17 3.45 15.38
N LYS C 108 9.78 4.09 16.36
CA LYS C 108 9.32 3.94 17.73
C LYS C 108 9.30 5.32 18.38
N ARG C 109 8.11 5.76 18.81
CA ARG C 109 7.91 7.07 19.40
C ARG C 109 7.33 6.93 20.80
N THR C 110 7.15 8.09 21.45
CA THR C 110 6.39 8.16 22.69
C THR C 110 4.90 7.94 22.42
N VAL C 111 4.20 7.50 23.47
CA VAL C 111 2.82 7.05 23.34
C VAL C 111 1.92 8.21 22.95
N ALA C 112 0.90 7.94 22.13
CA ALA C 112 -0.08 8.94 21.72
C ALA C 112 -1.47 8.34 21.77
N ALA C 113 -2.33 8.91 22.58
CA ALA C 113 -3.70 8.43 22.58
C ALA C 113 -4.36 8.78 21.26
N PRO C 114 -5.27 7.94 20.79
CA PRO C 114 -6.07 8.30 19.61
C PRO C 114 -7.03 9.44 19.90
N SER C 115 -7.17 10.31 18.90
CA SER C 115 -8.34 11.18 18.81
C SER C 115 -9.49 10.33 18.29
N VAL C 116 -10.63 10.33 18.97
CA VAL C 116 -11.72 9.43 18.59
C VAL C 116 -12.97 10.20 18.19
N PHE C 117 -13.64 9.68 17.16
CA PHE C 117 -14.90 10.22 16.66
C PHE C 117 -15.80 9.06 16.32
N ILE C 118 -17.06 9.35 16.01
CA ILE C 118 -17.97 8.30 15.55
C ILE C 118 -18.92 8.91 14.52
N PHE C 119 -19.16 8.15 13.44
CA PHE C 119 -19.97 8.60 12.31
C PHE C 119 -21.23 7.77 12.13
N PRO C 120 -22.42 8.36 12.31
CA PRO C 120 -23.67 7.63 12.07
C PRO C 120 -24.07 7.69 10.61
N PRO C 121 -24.64 6.61 10.06
CA PRO C 121 -24.67 6.44 8.60
C PRO C 121 -25.42 7.52 7.84
N SER C 122 -24.93 7.81 6.63
CA SER C 122 -25.47 8.85 5.80
C SER C 122 -26.89 8.53 5.40
N ASP C 123 -27.63 9.59 5.08
CA ASP C 123 -29.04 9.42 4.77
C ASP C 123 -29.25 8.89 3.36
N GLU C 124 -28.33 9.17 2.45
CA GLU C 124 -28.37 8.47 1.16
C GLU C 124 -28.22 6.98 1.38
N GLN C 125 -27.25 6.59 2.23
CA GLN C 125 -26.97 5.19 2.46
C GLN C 125 -28.19 4.46 2.98
N LEU C 126 -28.90 5.08 3.92
CA LEU C 126 -30.05 4.40 4.51
C LEU C 126 -31.14 4.17 3.48
N LYS C 127 -31.34 5.08 2.52
CA LYS C 127 -32.30 4.78 1.45
C LYS C 127 -31.90 3.53 0.69
N SER C 128 -30.63 3.41 0.35
CA SER C 128 -30.26 2.18 -0.35
C SER C 128 -30.37 0.99 0.53
N GLY C 129 -30.83 1.12 1.76
CA GLY C 129 -31.09 -0.01 2.62
C GLY C 129 -29.90 -0.55 3.37
N THR C 130 -28.74 0.08 3.25
CA THR C 130 -27.59 -0.32 4.05
C THR C 130 -27.38 0.73 5.14
N ALA C 131 -26.65 0.33 6.19
CA ALA C 131 -26.33 1.25 7.28
C ALA C 131 -24.99 0.82 7.85
N SER C 132 -23.96 1.64 7.59
CA SER C 132 -22.63 1.41 8.13
C SER C 132 -22.28 2.52 9.11
N VAL C 133 -21.76 2.13 10.28
CA VAL C 133 -21.33 3.05 11.32
C VAL C 133 -19.80 3.02 11.36
N VAL C 134 -19.18 4.20 11.33
CA VAL C 134 -17.73 4.35 11.28
C VAL C 134 -17.24 4.90 12.61
N CYS C 135 -16.21 4.28 13.16
CA CYS C 135 -15.50 4.80 14.33
C CYS C 135 -14.06 5.07 13.95
N LEU C 136 -13.49 6.19 14.40
CA LEU C 136 -12.22 6.70 13.87
C LEU C 136 -11.26 7.08 15.00
N LEU C 137 -10.09 6.48 15.00
CA LEU C 137 -9.06 6.69 16.03
C LEU C 137 -7.90 7.37 15.31
N ASN C 138 -7.60 8.62 15.64
CA ASN C 138 -6.69 9.39 14.80
C ASN C 138 -5.33 9.61 15.46
N ASN C 139 -4.27 9.36 14.69
CA ASN C 139 -2.90 9.79 14.97
C ASN C 139 -2.49 9.39 16.38
N PHE C 140 -2.35 8.08 16.57
CA PHE C 140 -1.95 7.50 17.86
C PHE C 140 -0.78 6.53 17.69
N TYR C 141 -0.24 6.09 18.83
CA TYR C 141 0.86 5.14 18.94
C TYR C 141 1.01 4.70 20.40
N PRO C 142 1.24 3.41 20.69
CA PRO C 142 1.58 2.27 19.82
C PRO C 142 0.38 1.73 19.03
N ARG C 143 0.59 1.06 17.89
CA ARG C 143 -0.52 0.74 17.00
C ARG C 143 -1.49 -0.24 17.63
N GLU C 144 -1.09 -0.87 18.72
CA GLU C 144 -1.89 -1.88 19.38
C GLU C 144 -3.03 -1.18 20.13
N ALA C 145 -4.26 -1.42 19.68
CA ALA C 145 -5.43 -0.86 20.34
C ALA C 145 -6.58 -1.87 20.24
N LYS C 146 -7.59 -1.67 21.08
CA LYS C 146 -8.76 -2.53 21.14
C LYS C 146 -10.01 -1.68 20.98
N VAL C 147 -10.75 -1.92 19.88
CA VAL C 147 -12.02 -1.25 19.58
C VAL C 147 -13.17 -2.22 19.85
N GLN C 148 -14.22 -1.74 20.49
CA GLN C 148 -15.38 -2.60 20.76
C GLN C 148 -16.66 -1.85 20.46
N TRP C 149 -17.46 -2.40 19.54
CA TRP C 149 -18.79 -1.90 19.31
C TRP C 149 -19.73 -2.50 20.33
N LYS C 150 -20.63 -1.66 20.85
CA LYS C 150 -21.76 -2.11 21.66
C LYS C 150 -22.99 -1.41 21.12
N VAL C 151 -24.05 -2.18 20.86
CA VAL C 151 -25.31 -1.64 20.38
C VAL C 151 -26.36 -1.86 21.47
N ASP C 152 -26.76 -0.77 22.14
CA ASP C 152 -27.70 -0.81 23.28
C ASP C 152 -27.08 -1.49 24.50
N ASN C 153 -25.75 -1.33 24.63
CA ASN C 153 -24.94 -2.05 25.62
C ASN C 153 -24.96 -3.55 25.35
N ALA C 154 -24.67 -3.92 24.11
CA ALA C 154 -24.47 -5.31 23.74
C ALA C 154 -23.22 -5.37 22.86
N LEU C 155 -22.18 -6.06 23.33
CA LEU C 155 -20.94 -6.13 22.56
C LEU C 155 -21.19 -6.85 21.24
N GLN C 156 -20.82 -6.21 20.14
CA GLN C 156 -21.00 -6.87 18.86
C GLN C 156 -19.87 -7.86 18.59
N SER C 157 -19.94 -8.52 17.45
CA SER C 157 -18.96 -9.54 17.16
C SER C 157 -19.04 -9.88 15.69
N GLY C 158 -17.91 -9.81 14.97
CA GLY C 158 -17.83 -10.31 13.62
C GLY C 158 -18.42 -9.43 12.54
N ASN C 159 -19.12 -8.37 12.91
CA ASN C 159 -19.75 -7.50 11.93
C ASN C 159 -19.10 -6.13 11.85
N SER C 160 -17.86 -6.01 12.31
CA SER C 160 -17.05 -4.84 12.03
C SER C 160 -15.81 -5.25 11.27
N GLN C 161 -15.26 -4.30 10.53
CA GLN C 161 -14.02 -4.46 9.77
C GLN C 161 -13.19 -3.22 9.99
N GLU C 162 -11.99 -3.38 10.51
CA GLU C 162 -11.15 -2.22 10.70
C GLU C 162 -9.93 -2.28 9.78
N SER C 163 -9.23 -1.15 9.66
CA SER C 163 -8.02 -1.08 8.86
C SER C 163 -7.20 0.11 9.32
N VAL C 164 -5.89 0.00 9.24
CA VAL C 164 -4.99 0.94 9.88
C VAL C 164 -4.09 1.57 8.82
N THR C 165 -3.75 2.84 9.01
CA THR C 165 -2.79 3.47 8.13
C THR C 165 -1.41 2.85 8.33
N GLU C 166 -0.48 3.23 7.48
CA GLU C 166 0.88 2.79 7.71
C GLU C 166 1.52 3.81 8.60
N GLN C 167 2.58 3.40 9.30
CA GLN C 167 3.20 4.31 10.26
C GLN C 167 3.54 5.62 9.57
N ASP C 168 3.15 6.73 10.16
CA ASP C 168 3.45 8.01 9.54
C ASP C 168 4.97 8.16 9.41
N SER C 169 5.43 8.54 8.22
CA SER C 169 6.86 8.72 8.08
C SER C 169 7.34 9.88 8.91
N LYS C 170 6.44 10.82 9.25
CA LYS C 170 6.80 11.99 10.04
C LYS C 170 6.35 11.87 11.49
N ASP C 171 5.04 11.75 11.73
CA ASP C 171 4.55 11.55 13.09
C ASP C 171 5.08 10.25 13.68
N SER C 172 5.19 9.22 12.85
CA SER C 172 5.33 7.82 13.25
C SER C 172 4.11 7.32 14.02
N THR C 173 2.95 7.91 13.77
CA THR C 173 1.72 7.56 14.48
C THR C 173 0.86 6.70 13.57
N TYR C 174 -0.32 6.34 14.06
CA TYR C 174 -1.22 5.45 13.36
C TYR C 174 -2.62 6.07 13.36
N SER C 175 -3.50 5.52 12.52
CA SER C 175 -4.90 5.93 12.48
C SER C 175 -5.71 4.73 12.09
N LEU C 176 -6.76 4.43 12.85
CA LEU C 176 -7.59 3.25 12.61
C LEU C 176 -9.02 3.66 12.25
N SER C 177 -9.75 2.75 11.59
CA SER C 177 -11.16 3.01 11.28
C SER C 177 -11.91 1.67 11.38
N SER C 178 -12.52 1.43 12.54
CA SER C 178 -13.45 0.32 12.73
C SER C 178 -14.80 0.66 12.14
N THR C 179 -15.41 -0.31 11.47
CA THR C 179 -16.66 -0.11 10.72
C THR C 179 -17.62 -1.26 10.96
N LEU C 180 -18.59 -1.02 11.83
CA LEU C 180 -19.73 -1.90 12.00
C LEU C 180 -20.68 -1.75 10.81
N THR C 181 -21.15 -2.87 10.28
CA THR C 181 -22.07 -2.82 9.15
C THR C 181 -23.30 -3.64 9.46
N LEU C 182 -24.48 -3.02 9.26
CA LEU C 182 -25.76 -3.63 9.51
C LEU C 182 -26.70 -3.38 8.34
N SER C 183 -27.57 -4.35 8.10
CA SER C 183 -28.73 -4.12 7.27
C SER C 183 -29.62 -3.06 7.92
N LYS C 184 -30.28 -2.28 7.06
CA LYS C 184 -31.08 -1.13 7.52
C LYS C 184 -32.06 -1.54 8.61
N ALA C 185 -32.73 -2.69 8.41
CA ALA C 185 -33.65 -3.20 9.42
C ALA C 185 -32.93 -3.47 10.74
N ASP C 186 -31.80 -4.17 10.69
CA ASP C 186 -31.05 -4.40 11.91
C ASP C 186 -30.64 -3.10 12.56
N TYR C 187 -30.41 -2.05 11.78
CA TYR C 187 -30.02 -0.77 12.36
C TYR C 187 -31.20 -0.05 13.03
N GLU C 188 -32.40 -0.21 12.49
CA GLU C 188 -33.57 0.41 13.12
C GLU C 188 -34.10 -0.38 14.30
N LYS C 189 -33.33 -1.32 14.84
CA LYS C 189 -33.77 -2.05 16.03
C LYS C 189 -33.18 -1.50 17.31
N HIS C 190 -32.36 -0.46 17.24
CA HIS C 190 -31.60 -0.08 18.42
C HIS C 190 -31.44 1.43 18.45
N LYS C 191 -31.22 1.94 19.66
CA LYS C 191 -31.07 3.39 19.80
C LYS C 191 -29.60 3.75 19.84
N VAL C 192 -28.90 3.19 20.82
CA VAL C 192 -27.55 3.61 21.16
C VAL C 192 -26.53 2.82 20.33
N TYR C 193 -25.60 3.54 19.73
CA TYR C 193 -24.46 2.97 19.02
C TYR C 193 -23.20 3.59 19.60
N ALA C 194 -22.38 2.74 20.21
CA ALA C 194 -21.19 3.16 20.95
C ALA C 194 -19.94 2.51 20.36
N CYS C 195 -18.81 3.20 20.52
CA CYS C 195 -17.50 2.74 20.05
C CYS C 195 -16.48 2.82 21.19
N GLU C 196 -16.17 1.69 21.81
CA GLU C 196 -15.32 1.68 22.99
C GLU C 196 -13.87 1.45 22.59
N VAL C 197 -12.99 2.36 22.97
CA VAL C 197 -11.59 2.38 22.57
C VAL C 197 -10.74 2.13 23.79
N THR C 198 -9.88 1.12 23.73
CA THR C 198 -8.94 0.86 24.82
C THR C 198 -7.54 0.96 24.24
N HIS C 199 -6.84 2.03 24.56
CA HIS C 199 -5.48 2.25 24.05
C HIS C 199 -4.55 2.53 25.21
N GLN C 200 -3.27 2.26 25.00
CA GLN C 200 -2.29 2.41 26.07
C GLN C 200 -2.18 3.87 26.49
N GLY C 201 -2.36 4.79 25.55
CA GLY C 201 -2.36 6.22 25.85
C GLY C 201 -3.58 6.69 26.63
N LEU C 202 -4.64 5.88 26.66
CA LEU C 202 -5.83 6.17 27.45
C LEU C 202 -5.73 5.45 28.79
N SER C 203 -5.89 6.19 29.88
CA SER C 203 -5.95 5.58 31.19
C SER C 203 -7.36 5.14 31.55
N SER C 204 -8.31 5.17 30.60
CA SER C 204 -9.71 4.80 30.79
C SER C 204 -10.39 4.66 29.44
N PRO C 205 -11.08 3.56 29.20
CA PRO C 205 -11.60 3.29 27.85
C PRO C 205 -12.61 4.32 27.32
N VAL C 206 -12.15 5.13 26.35
CA VAL C 206 -12.99 6.14 25.71
C VAL C 206 -14.14 5.49 24.95
N THR C 207 -15.31 6.15 25.00
CA THR C 207 -16.49 5.75 24.23
C THR C 207 -17.09 6.96 23.55
N LYS C 208 -16.88 7.10 22.25
CA LYS C 208 -17.83 7.97 21.60
C LYS C 208 -19.10 7.17 21.35
N SER C 209 -20.21 7.89 21.13
CA SER C 209 -21.50 7.24 21.03
C SER C 209 -22.53 8.21 20.47
N PHE C 210 -23.60 7.64 19.93
CA PHE C 210 -24.72 8.42 19.44
C PHE C 210 -25.99 7.62 19.62
N ASN C 211 -27.12 8.32 19.58
CA ASN C 211 -28.43 7.71 19.54
C ASN C 211 -29.03 7.91 18.16
N ARG C 212 -29.73 6.89 17.66
CA ARG C 212 -30.41 7.01 16.38
C ARG C 212 -31.41 8.16 16.38
N GLY C 213 -31.33 9.02 15.35
CA GLY C 213 -32.34 10.01 15.08
C GLY C 213 -32.08 11.39 15.64
N GLU C 214 -31.19 11.53 16.63
CA GLU C 214 -30.92 12.83 17.22
C GLU C 214 -30.24 13.74 16.19
N CYS C 215 -30.60 15.01 16.23
CA CYS C 215 -30.21 15.94 15.16
C CYS C 215 -28.90 16.66 15.43
#